data_6YXJ
#
_entry.id   6YXJ
#
_cell.length_a   92.386
_cell.length_b   92.386
_cell.length_c   166.628
_cell.angle_alpha   90.000
_cell.angle_beta   90.000
_cell.angle_gamma   120.000
#
_symmetry.space_group_name_H-M   'P 31 2 1'
#
loop_
_entity.id
_entity.type
_entity.pdbx_description
1 polymer 'Non-structural protein 3'
2 polymer 'Polyadenylate-binding protein-interacting protein 1'
#
loop_
_entity_poly.entity_id
_entity_poly.type
_entity_poly.pdbx_seq_one_letter_code
_entity_poly.pdbx_strand_id
1 'polypeptide(L)'
;GSHMKIKACIDEVTTTLEETKFLTNKLLLFADINGKLYHDSQNMLRGEDMSFLEKDAPYMVGDVITSGDITCVVIPSKKA
GGTTEMLSRALKKVPVDEYITTYPGQGCAGYTLEEAKTALKKCKSAFYVLPSEAPNAKEEIL
;
A
2 'polypeptide(L)'
;GSHMASMTGGQQMGRGSTLSEYVQDFLNHLTEQPGSFETEIEQFAETLNGCVTTDDALQELVELIYQQATSIPNFSYMGA
RLCNYLSHHLTISPQSGNFRQLLLQRCRTEYEVKDQAAKGDEVTRKRFHAFVLFLGELYLNLEIKGTNGQVTRADILQVG
LRELLNALFSNPMDDNLICAVKLLKLTGSVLEDAWKEKGKMDMEEIIQRIENVVLDANCSRDVKQMLLKLVELRSS
;
B
#
# COMPACT_ATOMS: atom_id res chain seq x y z
N LYS A 5 -19.71 5.25 -2.48
CA LYS A 5 -18.84 6.17 -1.74
C LYS A 5 -17.33 5.83 -1.83
N ILE A 6 -16.97 4.77 -2.58
CA ILE A 6 -15.56 4.35 -2.71
C ILE A 6 -15.08 4.36 -4.18
N LYS A 7 -13.77 4.66 -4.40
CA LYS A 7 -13.06 4.82 -5.68
C LYS A 7 -13.41 3.79 -6.76
N ALA A 8 -13.49 4.24 -8.02
CA ALA A 8 -13.84 3.39 -9.16
C ALA A 8 -12.63 2.74 -9.83
N CYS A 9 -12.31 1.51 -9.40
CA CYS A 9 -11.22 0.68 -9.92
C CYS A 9 -9.89 1.38 -10.06
N ILE A 10 -9.07 1.42 -8.99
CA ILE A 10 -7.76 2.04 -9.10
C ILE A 10 -6.77 1.02 -9.74
N ASP A 11 -6.84 -0.24 -9.28
CA ASP A 11 -6.19 -1.45 -9.80
C ASP A 11 -4.66 -1.51 -9.80
N GLU A 12 -4.12 -2.75 -9.85
CA GLU A 12 -2.70 -3.11 -9.94
C GLU A 12 -1.98 -3.27 -8.61
N VAL A 13 -0.83 -3.99 -8.64
CA VAL A 13 0.17 -4.31 -7.60
C VAL A 13 1.29 -5.24 -8.15
N THR A 14 2.46 -5.18 -7.50
CA THR A 14 3.67 -5.98 -7.71
C THR A 14 4.18 -6.57 -6.34
N THR A 15 3.88 -5.85 -5.24
CA THR A 15 4.19 -6.19 -3.85
C THR A 15 3.47 -7.52 -3.50
N THR A 16 3.98 -8.27 -2.53
CA THR A 16 3.37 -9.55 -2.13
C THR A 16 2.06 -9.37 -1.34
N LEU A 17 1.31 -10.46 -1.07
CA LEU A 17 0.04 -10.48 -0.34
C LEU A 17 0.12 -9.72 1.01
N GLU A 18 0.98 -10.18 1.91
CA GLU A 18 1.19 -9.59 3.23
C GLU A 18 1.58 -8.12 3.14
N GLU A 19 2.30 -7.75 2.08
CA GLU A 19 2.72 -6.37 1.84
C GLU A 19 1.54 -5.51 1.39
N THR A 20 0.71 -6.06 0.51
CA THR A 20 -0.44 -5.33 -0.01
C THR A 20 -1.54 -5.19 1.08
N LYS A 21 -1.58 -6.13 2.05
CA LYS A 21 -2.47 -6.12 3.21
C LYS A 21 -2.38 -4.85 4.05
N PHE A 22 -1.41 -3.98 3.77
CA PHE A 22 -1.24 -2.66 4.37
C PHE A 22 -2.45 -1.78 3.96
N LEU A 23 -2.89 -1.89 2.70
CA LEU A 23 -3.98 -1.07 2.19
C LEU A 23 -5.34 -1.52 2.73
N THR A 24 -5.64 -2.82 2.58
CA THR A 24 -6.91 -3.39 3.04
C THR A 24 -6.74 -4.84 3.46
N ASN A 25 -7.68 -5.34 4.23
CA ASN A 25 -7.72 -6.72 4.65
C ASN A 25 -8.70 -7.56 3.78
N LYS A 26 -9.51 -6.90 2.92
CA LYS A 26 -10.52 -7.53 2.05
C LYS A 26 -9.97 -8.19 0.82
N LEU A 27 -10.27 -9.49 0.66
CA LEU A 27 -9.83 -10.32 -0.46
C LEU A 27 -10.99 -10.76 -1.33
N LEU A 28 -10.79 -10.77 -2.65
CA LEU A 28 -11.79 -11.30 -3.57
C LEU A 28 -11.21 -12.55 -4.31
N LEU A 29 -11.81 -13.69 -4.03
CA LEU A 29 -11.41 -14.97 -4.57
C LEU A 29 -12.43 -15.43 -5.62
N PHE A 30 -11.95 -16.28 -6.55
CA PHE A 30 -12.72 -16.83 -7.67
C PHE A 30 -12.93 -18.34 -7.51
N ALA A 31 -14.20 -18.78 -7.56
CA ALA A 31 -14.55 -20.18 -7.39
C ALA A 31 -15.40 -20.74 -8.53
N ASP A 32 -15.42 -22.07 -8.67
CA ASP A 32 -16.26 -22.74 -9.66
C ASP A 32 -17.60 -23.09 -9.00
N ILE A 33 -18.51 -23.66 -9.77
CA ILE A 33 -19.83 -24.03 -9.30
C ILE A 33 -19.79 -25.07 -8.15
N ASN A 34 -18.75 -25.92 -8.13
CA ASN A 34 -18.59 -26.88 -7.02
C ASN A 34 -18.10 -26.21 -5.71
N GLY A 35 -17.74 -24.92 -5.77
CA GLY A 35 -17.22 -24.16 -4.65
C GLY A 35 -15.72 -24.32 -4.48
N LYS A 36 -15.03 -24.84 -5.50
CA LYS A 36 -13.59 -25.04 -5.46
C LYS A 36 -12.92 -23.82 -6.06
N LEU A 37 -11.95 -23.24 -5.33
CA LEU A 37 -11.25 -22.05 -5.78
C LEU A 37 -10.30 -22.33 -6.92
N TYR A 38 -10.15 -21.34 -7.77
CA TYR A 38 -9.19 -21.42 -8.86
C TYR A 38 -7.76 -21.24 -8.28
N HIS A 39 -6.75 -21.82 -8.93
CA HIS A 39 -5.37 -21.82 -8.45
C HIS A 39 -4.85 -20.51 -7.89
N ASP A 40 -5.05 -19.39 -8.61
CA ASP A 40 -4.56 -18.07 -8.14
C ASP A 40 -5.17 -17.69 -6.82
N SER A 41 -6.47 -17.96 -6.67
CA SER A 41 -7.21 -17.64 -5.44
C SER A 41 -6.83 -18.56 -4.29
N GLN A 42 -6.46 -19.81 -4.61
CA GLN A 42 -6.01 -20.81 -3.64
C GLN A 42 -4.67 -20.37 -3.03
N ASN A 43 -3.78 -19.83 -3.86
CA ASN A 43 -2.48 -19.34 -3.41
C ASN A 43 -2.64 -18.19 -2.42
N MET A 44 -3.64 -17.32 -2.65
CA MET A 44 -3.95 -16.16 -1.80
C MET A 44 -4.34 -16.52 -0.37
N LEU A 45 -4.60 -17.80 -0.08
CA LEU A 45 -4.98 -18.22 1.25
C LEU A 45 -3.76 -18.51 2.09
N ARG A 46 -3.79 -18.03 3.35
CA ARG A 46 -2.72 -18.21 4.32
C ARG A 46 -3.32 -18.78 5.63
N GLY A 47 -3.86 -19.99 5.55
CA GLY A 47 -4.41 -20.67 6.71
C GLY A 47 -5.78 -20.24 7.22
N GLU A 48 -6.62 -19.70 6.33
CA GLU A 48 -7.97 -19.30 6.74
C GLU A 48 -8.92 -20.53 6.74
N ASP A 49 -9.99 -20.49 7.56
CA ASP A 49 -10.96 -21.59 7.63
C ASP A 49 -11.89 -21.55 6.42
N MET A 50 -11.75 -22.50 5.50
CA MET A 50 -12.55 -22.53 4.28
C MET A 50 -13.71 -23.53 4.29
N SER A 51 -14.09 -24.02 5.47
CA SER A 51 -15.19 -24.96 5.63
C SER A 51 -16.52 -24.38 5.14
N PHE A 52 -16.73 -23.06 5.38
CA PHE A 52 -17.92 -22.32 5.00
C PHE A 52 -18.25 -22.36 3.49
N LEU A 53 -17.21 -22.60 2.67
CA LEU A 53 -17.38 -22.64 1.23
C LEU A 53 -18.04 -23.93 0.73
N GLU A 54 -17.95 -25.01 1.51
CA GLU A 54 -18.63 -26.26 1.16
C GLU A 54 -20.03 -26.34 1.77
N LYS A 55 -20.26 -25.65 2.90
CA LYS A 55 -21.52 -25.59 3.64
C LYS A 55 -22.73 -25.22 2.76
N ASP A 56 -22.52 -24.35 1.77
CA ASP A 56 -23.63 -23.94 0.90
C ASP A 56 -23.46 -24.36 -0.57
N ALA A 57 -22.46 -25.20 -0.87
CA ALA A 57 -22.23 -25.72 -2.21
C ALA A 57 -23.34 -26.75 -2.55
N PRO A 58 -23.69 -26.91 -3.83
CA PRO A 58 -23.15 -26.25 -5.02
C PRO A 58 -23.71 -24.85 -5.25
N TYR A 59 -23.03 -24.12 -6.11
CA TYR A 59 -23.37 -22.75 -6.42
C TYR A 59 -23.68 -22.53 -7.87
N MET A 60 -24.46 -21.49 -8.11
CA MET A 60 -24.88 -20.97 -9.39
C MET A 60 -23.85 -19.92 -9.80
N VAL A 61 -23.63 -19.73 -11.11
CA VAL A 61 -22.70 -18.69 -11.59
C VAL A 61 -23.24 -17.31 -11.13
N GLY A 62 -22.41 -16.58 -10.40
CA GLY A 62 -22.81 -15.29 -9.85
C GLY A 62 -23.04 -15.31 -8.37
N ASP A 63 -22.99 -16.49 -7.73
CA ASP A 63 -23.18 -16.58 -6.28
C ASP A 63 -21.97 -15.98 -5.55
N VAL A 64 -22.23 -15.13 -4.55
CA VAL A 64 -21.16 -14.51 -3.78
C VAL A 64 -21.19 -15.01 -2.31
N ILE A 65 -20.02 -15.48 -1.83
CA ILE A 65 -19.88 -16.06 -0.49
C ILE A 65 -18.83 -15.30 0.32
N THR A 66 -19.25 -14.65 1.41
CA THR A 66 -18.33 -13.88 2.25
C THR A 66 -18.35 -14.34 3.72
N SER A 67 -17.15 -14.47 4.32
CA SER A 67 -16.95 -14.81 5.73
C SER A 67 -15.75 -14.00 6.24
N GLY A 68 -16.04 -13.00 7.04
CA GLY A 68 -15.03 -12.11 7.56
C GLY A 68 -14.64 -11.14 6.46
N ASP A 69 -13.35 -11.08 6.17
CA ASP A 69 -12.85 -10.22 5.08
C ASP A 69 -12.65 -10.95 3.75
N ILE A 70 -12.88 -12.27 3.74
CA ILE A 70 -12.75 -13.10 2.56
C ILE A 70 -14.06 -13.13 1.80
N THR A 71 -14.00 -12.72 0.52
CA THR A 71 -15.11 -12.70 -0.44
C THR A 71 -14.78 -13.72 -1.52
N CYS A 72 -15.81 -14.47 -1.98
CA CYS A 72 -15.72 -15.47 -3.05
C CYS A 72 -16.83 -15.32 -4.09
N VAL A 73 -16.46 -15.21 -5.37
CA VAL A 73 -17.47 -15.06 -6.42
C VAL A 73 -17.35 -16.22 -7.42
N VAL A 74 -18.53 -16.86 -7.72
CA VAL A 74 -18.69 -18.01 -8.61
C VAL A 74 -18.70 -17.54 -10.03
N ILE A 75 -17.61 -17.92 -10.74
CA ILE A 75 -17.36 -17.50 -12.11
C ILE A 75 -17.50 -18.61 -13.15
N PRO A 76 -17.94 -18.21 -14.38
CA PRO A 76 -18.07 -19.19 -15.47
C PRO A 76 -16.74 -19.71 -16.03
N SER A 77 -16.69 -20.99 -16.43
CA SER A 77 -15.48 -21.57 -17.00
C SER A 77 -15.53 -21.48 -18.51
N LYS A 78 -14.50 -20.90 -19.13
CA LYS A 78 -14.43 -20.74 -20.59
C LYS A 78 -14.23 -22.08 -21.29
N LYS A 79 -13.46 -22.99 -20.67
CA LYS A 79 -13.25 -24.33 -21.23
C LYS A 79 -14.53 -25.21 -21.20
N ALA A 80 -15.62 -24.69 -20.62
CA ALA A 80 -16.92 -25.33 -20.56
C ALA A 80 -18.01 -24.47 -21.25
N GLY A 81 -17.61 -23.54 -22.12
CA GLY A 81 -18.52 -22.69 -22.86
C GLY A 81 -18.67 -21.25 -22.42
N GLY A 82 -18.17 -20.91 -21.22
CA GLY A 82 -18.29 -19.57 -20.66
C GLY A 82 -17.84 -18.44 -21.57
N THR A 83 -18.59 -17.32 -21.55
CA THR A 83 -18.31 -16.12 -22.35
C THR A 83 -17.85 -14.94 -21.47
N THR A 84 -17.25 -13.92 -22.09
CA THR A 84 -16.77 -12.73 -21.39
C THR A 84 -17.93 -11.97 -20.75
N GLU A 85 -19.10 -11.95 -21.44
CA GLU A 85 -20.32 -11.29 -20.96
C GLU A 85 -20.81 -11.96 -19.68
N MET A 86 -20.74 -13.30 -19.62
CA MET A 86 -21.11 -14.08 -18.45
C MET A 86 -20.16 -13.75 -17.30
N LEU A 87 -18.85 -13.66 -17.60
CA LEU A 87 -17.83 -13.35 -16.61
C LEU A 87 -18.06 -11.95 -15.99
N SER A 88 -18.28 -10.94 -16.83
CA SER A 88 -18.52 -9.58 -16.37
C SER A 88 -19.78 -9.46 -15.51
N ARG A 89 -20.83 -10.21 -15.89
CA ARG A 89 -22.10 -10.17 -15.18
C ARG A 89 -21.98 -10.77 -13.77
N ALA A 90 -21.20 -11.86 -13.66
CA ALA A 90 -20.94 -12.54 -12.39
C ALA A 90 -20.19 -11.61 -11.44
N LEU A 91 -19.26 -10.83 -11.97
CA LEU A 91 -18.49 -9.90 -11.16
C LEU A 91 -19.32 -8.71 -10.73
N LYS A 92 -20.31 -8.28 -11.53
CA LYS A 92 -21.18 -7.18 -11.15
C LYS A 92 -22.04 -7.49 -9.90
N LYS A 93 -22.13 -8.78 -9.53
CA LYS A 93 -22.82 -9.23 -8.33
C LYS A 93 -22.00 -8.98 -7.05
N VAL A 94 -20.70 -8.62 -7.20
CA VAL A 94 -19.78 -8.31 -6.11
C VAL A 94 -20.05 -6.93 -5.50
N PRO A 95 -20.33 -6.90 -4.17
CA PRO A 95 -20.59 -5.62 -3.49
C PRO A 95 -19.41 -4.65 -3.65
N VAL A 96 -19.71 -3.43 -4.07
CA VAL A 96 -18.69 -2.40 -4.31
C VAL A 96 -17.84 -2.15 -3.05
N ASP A 97 -16.51 -2.30 -3.20
CA ASP A 97 -15.54 -2.11 -2.12
C ASP A 97 -14.10 -2.12 -2.67
N GLU A 98 -13.10 -2.07 -1.77
CA GLU A 98 -11.69 -2.16 -2.13
C GLU A 98 -11.28 -3.61 -1.88
N TYR A 99 -10.71 -4.25 -2.90
CA TYR A 99 -10.31 -5.64 -2.77
C TYR A 99 -8.94 -5.92 -3.26
N ILE A 100 -8.30 -6.88 -2.61
CA ILE A 100 -7.05 -7.46 -3.08
C ILE A 100 -7.51 -8.70 -3.79
N THR A 101 -7.14 -8.80 -5.05
CA THR A 101 -7.59 -9.90 -5.87
C THR A 101 -6.48 -10.33 -6.86
N THR A 102 -6.84 -11.25 -7.75
CA THR A 102 -6.09 -11.76 -8.87
C THR A 102 -6.96 -11.50 -10.16
N TYR A 103 -6.44 -11.88 -11.32
CA TYR A 103 -7.22 -11.80 -12.55
C TYR A 103 -8.18 -13.00 -12.50
N PRO A 104 -9.49 -12.73 -12.63
CA PRO A 104 -10.46 -13.84 -12.59
C PRO A 104 -10.17 -14.96 -13.61
N GLY A 105 -10.25 -14.64 -14.90
CA GLY A 105 -10.02 -15.58 -16.00
C GLY A 105 -8.57 -15.89 -16.26
N GLN A 106 -7.89 -16.39 -15.25
CA GLN A 106 -6.51 -16.78 -15.35
C GLN A 106 -6.49 -18.30 -15.23
N GLY A 107 -6.07 -18.96 -16.30
CA GLY A 107 -5.64 -18.37 -17.57
C GLY A 107 -5.83 -19.51 -18.55
N CYS A 108 -5.08 -20.58 -18.31
CA CYS A 108 -5.29 -21.86 -18.95
C CYS A 108 -6.45 -22.43 -18.11
N ALA A 109 -7.40 -23.10 -18.77
CA ALA A 109 -8.67 -23.56 -18.17
C ALA A 109 -9.56 -22.34 -17.82
N GLY A 110 -9.47 -21.30 -18.65
CA GLY A 110 -10.23 -20.08 -18.48
C GLY A 110 -10.02 -19.09 -19.61
N TYR A 111 -10.35 -17.82 -19.33
CA TYR A 111 -10.28 -16.68 -20.23
C TYR A 111 -8.85 -16.14 -20.41
N THR A 112 -8.68 -15.18 -21.34
CA THR A 112 -7.40 -14.53 -21.54
C THR A 112 -7.22 -13.41 -20.49
N LEU A 113 -5.98 -12.96 -20.31
CA LEU A 113 -5.64 -11.89 -19.37
C LEU A 113 -6.43 -10.61 -19.69
N GLU A 114 -6.58 -10.30 -21.00
CA GLU A 114 -7.30 -9.11 -21.46
C GLU A 114 -8.80 -9.19 -21.16
N GLU A 115 -9.36 -10.40 -21.23
CA GLU A 115 -10.77 -10.62 -20.95
C GLU A 115 -11.03 -10.51 -19.44
N ALA A 116 -10.09 -11.03 -18.62
CA ALA A 116 -10.15 -10.97 -17.16
C ALA A 116 -10.03 -9.51 -16.69
N LYS A 117 -9.13 -8.73 -17.34
CA LYS A 117 -8.89 -7.30 -17.09
C LYS A 117 -10.18 -6.50 -17.39
N THR A 118 -10.83 -6.83 -18.52
CA THR A 118 -12.05 -6.19 -18.99
C THR A 118 -13.16 -6.36 -17.98
N ALA A 119 -13.31 -7.58 -17.47
CA ALA A 119 -14.33 -7.91 -16.47
C ALA A 119 -14.11 -7.20 -15.13
N LEU A 120 -12.83 -7.06 -14.74
CA LEU A 120 -12.49 -6.36 -13.50
C LEU A 120 -12.76 -4.87 -13.64
N LYS A 121 -12.43 -4.31 -14.84
CA LYS A 121 -12.63 -2.89 -15.19
C LYS A 121 -14.10 -2.54 -15.35
N LYS A 122 -14.91 -3.50 -15.82
CA LYS A 122 -16.35 -3.32 -15.95
C LYS A 122 -17.03 -3.26 -14.55
N CYS A 123 -16.41 -3.88 -13.55
CA CYS A 123 -16.90 -3.88 -12.19
C CYS A 123 -16.77 -2.46 -11.56
N LYS A 124 -17.59 -2.18 -10.53
CA LYS A 124 -17.55 -0.87 -9.85
C LYS A 124 -16.58 -0.83 -8.65
N SER A 125 -16.08 -1.99 -8.19
CA SER A 125 -15.16 -2.05 -7.05
C SER A 125 -13.74 -1.58 -7.41
N ALA A 126 -12.94 -1.18 -6.39
CA ALA A 126 -11.54 -0.75 -6.56
C ALA A 126 -10.63 -1.96 -6.27
N PHE A 127 -9.74 -2.32 -7.22
CA PHE A 127 -8.91 -3.52 -7.04
C PHE A 127 -7.38 -3.32 -6.90
N TYR A 128 -6.71 -4.28 -6.22
CA TYR A 128 -5.26 -4.31 -6.03
C TYR A 128 -4.88 -5.71 -6.48
N VAL A 129 -4.52 -5.79 -7.76
CA VAL A 129 -4.32 -7.01 -8.51
C VAL A 129 -2.93 -7.61 -8.47
N LEU A 130 -2.83 -8.75 -7.80
CA LEU A 130 -1.63 -9.53 -7.68
C LEU A 130 -1.48 -10.41 -8.93
N PRO A 131 -0.24 -10.59 -9.41
CA PRO A 131 -0.03 -11.43 -10.60
C PRO A 131 0.10 -12.92 -10.25
N SER A 132 -0.10 -13.78 -11.26
CA SER A 132 0.00 -15.22 -11.05
C SER A 132 0.99 -15.85 -12.02
N THR B 18 23.42 -4.05 24.52
CA THR B 18 22.53 -4.98 23.83
C THR B 18 22.69 -4.88 22.29
N LEU B 19 22.07 -5.82 21.56
CA LEU B 19 22.03 -5.81 20.10
C LEU B 19 21.25 -4.54 19.63
N SER B 20 20.17 -4.19 20.36
CA SER B 20 19.34 -3.02 20.15
C SER B 20 20.15 -1.73 20.27
N GLU B 21 21.06 -1.67 21.24
CA GLU B 21 21.87 -0.49 21.44
C GLU B 21 22.97 -0.37 20.38
N TYR B 22 23.40 -1.48 19.72
CA TYR B 22 24.35 -1.40 18.58
C TYR B 22 23.67 -0.61 17.44
N VAL B 23 22.39 -0.94 17.18
CA VAL B 23 21.55 -0.33 16.17
C VAL B 23 21.31 1.14 16.48
N GLN B 24 20.83 1.47 17.72
CA GLN B 24 20.59 2.86 18.09
C GLN B 24 21.84 3.70 17.99
N ASP B 25 23.00 3.13 18.35
CA ASP B 25 24.26 3.85 18.23
C ASP B 25 24.56 4.16 16.76
N PHE B 26 24.30 3.21 15.85
CA PHE B 26 24.51 3.45 14.43
C PHE B 26 23.53 4.50 13.89
N LEU B 27 22.27 4.46 14.35
CA LEU B 27 21.26 5.46 13.97
C LEU B 27 21.69 6.84 14.45
N ASN B 28 22.17 6.94 15.70
CA ASN B 28 22.66 8.20 16.27
C ASN B 28 23.88 8.69 15.48
N HIS B 29 24.78 7.77 15.08
CA HIS B 29 25.98 8.07 14.28
C HIS B 29 25.57 8.62 12.91
N LEU B 30 24.55 8.04 12.28
CA LEU B 30 24.06 8.52 11.00
C LEU B 30 23.48 9.92 11.13
N THR B 31 22.80 10.20 12.26
CA THR B 31 22.21 11.52 12.49
C THR B 31 23.31 12.58 12.58
N GLU B 32 24.35 12.27 13.34
CA GLU B 32 25.47 13.18 13.57
C GLU B 32 26.38 13.33 12.36
N GLN B 33 26.59 12.22 11.64
CA GLN B 33 27.45 12.18 10.46
C GLN B 33 26.69 11.62 9.26
N PRO B 34 25.86 12.45 8.60
CA PRO B 34 25.11 11.95 7.43
C PRO B 34 26.00 11.44 6.29
N GLY B 35 27.17 12.05 6.14
CA GLY B 35 28.13 11.64 5.12
C GLY B 35 28.78 10.29 5.35
N SER B 36 28.66 9.74 6.58
CA SER B 36 29.24 8.44 6.90
C SER B 36 28.51 7.26 6.29
N PHE B 37 27.26 7.46 5.82
CA PHE B 37 26.43 6.40 5.27
C PHE B 37 27.14 5.48 4.26
N GLU B 38 27.68 6.05 3.16
CA GLU B 38 28.30 5.28 2.09
C GLU B 38 29.43 4.36 2.53
N THR B 39 30.32 4.84 3.41
CA THR B 39 31.46 4.05 3.84
C THR B 39 31.17 3.07 4.97
N GLU B 40 30.10 3.29 5.76
CA GLU B 40 29.83 2.44 6.91
C GLU B 40 28.62 1.52 6.80
N ILE B 41 27.80 1.69 5.76
CA ILE B 41 26.58 0.91 5.61
C ILE B 41 26.83 -0.60 5.36
N GLU B 42 27.87 -0.95 4.59
CA GLU B 42 28.19 -2.35 4.28
C GLU B 42 28.52 -3.14 5.53
N GLN B 43 29.33 -2.55 6.42
CA GLN B 43 29.73 -3.15 7.68
C GLN B 43 28.50 -3.34 8.60
N PHE B 44 27.56 -2.38 8.57
CA PHE B 44 26.35 -2.45 9.37
C PHE B 44 25.53 -3.67 8.96
N ALA B 45 25.33 -3.87 7.65
CA ALA B 45 24.59 -5.02 7.15
C ALA B 45 25.25 -6.36 7.50
N GLU B 46 26.59 -6.44 7.33
CA GLU B 46 27.33 -7.67 7.62
C GLU B 46 27.24 -8.08 9.09
N THR B 47 27.35 -7.10 9.99
CA THR B 47 27.25 -7.36 11.44
C THR B 47 25.84 -7.85 11.79
N LEU B 48 24.82 -7.18 11.26
CA LEU B 48 23.43 -7.58 11.51
C LEU B 48 23.15 -8.98 10.98
N ASN B 49 23.71 -9.35 9.81
CA ASN B 49 23.50 -10.69 9.26
C ASN B 49 24.00 -11.80 10.20
N GLY B 50 25.08 -11.51 10.92
CA GLY B 50 25.66 -12.45 11.85
C GLY B 50 24.99 -12.55 13.21
N CYS B 51 24.40 -11.45 13.71
CA CYS B 51 23.80 -11.48 15.05
C CYS B 51 22.25 -11.55 15.08
N VAL B 52 21.55 -11.06 14.04
CA VAL B 52 20.09 -11.13 14.02
C VAL B 52 19.65 -12.48 13.46
N THR B 53 19.27 -13.41 14.34
CA THR B 53 18.84 -14.74 13.93
C THR B 53 17.42 -15.13 14.41
N THR B 54 16.75 -14.24 15.17
CA THR B 54 15.44 -14.48 15.74
C THR B 54 14.38 -13.61 15.06
N ASP B 55 13.13 -14.08 15.03
CA ASP B 55 12.00 -13.29 14.52
C ASP B 55 11.83 -12.01 15.37
N ASP B 56 12.02 -12.14 16.70
CA ASP B 56 11.90 -11.06 17.66
C ASP B 56 13.03 -10.04 17.53
N ALA B 57 14.24 -10.51 17.20
CA ALA B 57 15.40 -9.64 17.00
C ALA B 57 15.22 -8.80 15.74
N LEU B 58 14.67 -9.40 14.68
CA LEU B 58 14.40 -8.67 13.44
C LEU B 58 13.29 -7.66 13.65
N GLN B 59 12.26 -8.05 14.41
CA GLN B 59 11.13 -7.19 14.77
C GLN B 59 11.62 -5.97 15.56
N GLU B 60 12.56 -6.18 16.46
CA GLU B 60 13.18 -5.14 17.26
C GLU B 60 13.98 -4.16 16.38
N LEU B 61 14.77 -4.68 15.40
CA LEU B 61 15.56 -3.87 14.46
C LEU B 61 14.62 -2.92 13.71
N VAL B 62 13.50 -3.46 13.23
CA VAL B 62 12.46 -2.71 12.52
C VAL B 62 11.91 -1.58 13.41
N GLU B 63 11.48 -1.93 14.63
CA GLU B 63 10.91 -0.98 15.58
C GLU B 63 11.85 0.19 15.87
N LEU B 64 13.14 -0.08 16.06
CA LEU B 64 14.13 0.93 16.36
C LEU B 64 14.29 1.90 15.21
N ILE B 65 14.36 1.38 13.98
CA ILE B 65 14.51 2.22 12.81
C ILE B 65 13.26 3.06 12.62
N TYR B 66 12.09 2.43 12.74
CA TYR B 66 10.79 3.08 12.62
C TYR B 66 10.66 4.23 13.62
N GLN B 67 11.04 4.00 14.88
CA GLN B 67 10.96 5.03 15.91
C GLN B 67 11.87 6.20 15.61
N GLN B 68 13.10 5.95 15.15
CA GLN B 68 14.02 7.01 14.81
C GLN B 68 13.47 7.84 13.65
N ALA B 69 12.92 7.16 12.63
CA ALA B 69 12.40 7.81 11.45
C ALA B 69 11.16 8.66 11.71
N THR B 70 10.31 8.23 12.66
CA THR B 70 9.04 8.92 12.98
C THR B 70 9.10 9.88 14.18
N SER B 71 10.14 9.78 15.00
CA SER B 71 10.25 10.62 16.19
C SER B 71 11.42 11.62 16.14
N ILE B 72 12.40 11.35 15.28
CA ILE B 72 13.57 12.21 15.16
C ILE B 72 13.52 13.04 13.89
N PRO B 73 13.56 14.38 14.05
CA PRO B 73 13.53 15.24 12.86
C PRO B 73 14.69 14.97 11.90
N ASN B 74 14.45 15.26 10.61
CA ASN B 74 15.38 15.08 9.49
C ASN B 74 15.92 13.63 9.35
N PHE B 75 15.29 12.67 10.05
CA PHE B 75 15.63 11.26 9.86
C PHE B 75 14.65 10.58 8.86
N SER B 76 13.68 11.33 8.26
CA SER B 76 12.74 10.78 7.30
C SER B 76 13.51 10.24 6.09
N TYR B 77 14.39 11.06 5.48
CA TYR B 77 15.17 10.63 4.34
C TYR B 77 16.14 9.52 4.71
N MET B 78 16.96 9.73 5.75
CA MET B 78 17.97 8.74 6.13
C MET B 78 17.34 7.38 6.53
N GLY B 79 16.22 7.43 7.23
CA GLY B 79 15.50 6.25 7.65
C GLY B 79 15.04 5.42 6.47
N ALA B 80 14.43 6.08 5.48
CA ALA B 80 13.92 5.45 4.26
C ALA B 80 15.05 4.83 3.40
N ARG B 81 16.16 5.54 3.29
CA ARG B 81 17.35 5.14 2.55
C ARG B 81 17.91 3.85 3.17
N LEU B 82 17.99 3.81 4.50
CA LEU B 82 18.46 2.68 5.28
C LEU B 82 17.54 1.47 5.10
N CYS B 83 16.23 1.70 5.19
CA CYS B 83 15.23 0.65 5.04
C CYS B 83 15.33 -0.05 3.71
N ASN B 84 15.53 0.72 2.62
CA ASN B 84 15.65 0.12 1.30
C ASN B 84 16.87 -0.78 1.22
N TYR B 85 18.00 -0.29 1.73
CA TYR B 85 19.25 -1.05 1.70
C TYR B 85 19.12 -2.36 2.46
N LEU B 86 18.60 -2.31 3.69
CA LEU B 86 18.43 -3.52 4.50
C LEU B 86 17.48 -4.51 3.87
N SER B 87 16.44 -4.01 3.20
CA SER B 87 15.45 -4.88 2.58
C SER B 87 16.07 -5.82 1.56
N HIS B 88 17.10 -5.38 0.80
CA HIS B 88 17.72 -6.29 -0.17
C HIS B 88 19.15 -6.70 0.18
N HIS B 89 19.66 -6.35 1.38
CA HIS B 89 21.00 -6.76 1.77
C HIS B 89 21.05 -7.62 3.04
N LEU B 90 19.93 -7.73 3.77
CA LEU B 90 19.87 -8.62 4.93
C LEU B 90 19.55 -10.01 4.41
N THR B 91 20.29 -11.02 4.86
CA THR B 91 20.08 -12.39 4.42
C THR B 91 19.01 -13.13 5.22
N ILE B 92 18.73 -12.71 6.46
CA ILE B 92 17.72 -13.40 7.27
C ILE B 92 16.33 -13.36 6.61
N SER B 93 15.61 -14.49 6.64
CA SER B 93 14.27 -14.59 6.08
C SER B 93 13.41 -15.42 7.01
N PRO B 94 12.95 -14.83 8.13
CA PRO B 94 12.13 -15.61 9.06
C PRO B 94 10.76 -15.97 8.47
N GLN B 95 10.12 -17.00 9.05
CA GLN B 95 8.83 -17.46 8.56
C GLN B 95 7.68 -16.50 8.85
N SER B 96 7.85 -15.56 9.80
CA SER B 96 6.83 -14.53 10.03
C SER B 96 6.93 -13.33 9.03
N GLY B 97 7.98 -13.33 8.20
CA GLY B 97 8.22 -12.29 7.19
C GLY B 97 9.64 -11.76 7.25
N ASN B 98 10.14 -11.25 6.11
CA ASN B 98 11.47 -10.65 6.07
C ASN B 98 11.45 -9.18 6.58
N PHE B 99 12.61 -8.49 6.55
CA PHE B 99 12.73 -7.10 7.02
C PHE B 99 11.70 -6.21 6.35
N ARG B 100 11.59 -6.31 5.03
CA ARG B 100 10.66 -5.53 4.24
C ARG B 100 9.23 -5.73 4.69
N GLN B 101 8.83 -6.98 4.83
CA GLN B 101 7.49 -7.34 5.23
C GLN B 101 7.17 -6.89 6.65
N LEU B 102 8.11 -7.06 7.58
CA LEU B 102 7.90 -6.61 8.95
C LEU B 102 7.82 -5.08 9.02
N LEU B 103 8.62 -4.39 8.21
CA LEU B 103 8.62 -2.92 8.17
C LEU B 103 7.27 -2.42 7.71
N LEU B 104 6.81 -2.97 6.60
CA LEU B 104 5.57 -2.58 6.00
C LEU B 104 4.39 -2.85 6.91
N GLN B 105 4.43 -3.96 7.66
CA GLN B 105 3.41 -4.32 8.64
C GLN B 105 3.38 -3.28 9.76
N ARG B 106 4.54 -2.80 10.19
CA ARG B 106 4.61 -1.78 11.24
C ARG B 106 3.98 -0.47 10.77
N CYS B 107 4.16 -0.12 9.50
CA CYS B 107 3.57 1.09 8.94
C CYS B 107 2.04 1.01 8.88
N ARG B 108 1.52 -0.17 8.54
CA ARG B 108 0.10 -0.50 8.46
C ARG B 108 -0.62 -0.12 9.77
N THR B 109 0.08 -0.27 10.91
CA THR B 109 -0.45 0.03 12.23
C THR B 109 -0.90 1.49 12.36
N GLU B 110 -0.01 2.45 12.10
CA GLU B 110 -0.38 3.86 12.19
C GLU B 110 -1.27 4.26 11.00
N TYR B 111 -1.10 3.61 9.83
CA TYR B 111 -1.86 3.89 8.61
C TYR B 111 -3.34 3.60 8.79
N GLU B 112 -3.66 2.53 9.52
CA GLU B 112 -5.03 2.08 9.79
C GLU B 112 -5.86 3.18 10.45
N VAL B 113 -5.24 3.98 11.32
CA VAL B 113 -5.96 5.04 12.02
C VAL B 113 -5.66 6.42 11.47
N LYS B 114 -5.30 6.52 10.20
CA LYS B 114 -4.95 7.82 9.61
C LYS B 114 -6.10 8.83 9.68
N ASP B 115 -7.31 8.33 9.55
CA ASP B 115 -8.54 9.12 9.59
C ASP B 115 -8.72 9.72 11.00
N GLN B 116 -8.40 8.94 12.05
CA GLN B 116 -8.49 9.35 13.43
C GLN B 116 -7.33 10.29 13.78
N ALA B 117 -6.12 9.94 13.33
CA ALA B 117 -4.92 10.73 13.64
C ALA B 117 -5.00 12.14 13.10
N ALA B 118 -5.57 12.30 11.91
CA ALA B 118 -5.72 13.61 11.28
C ALA B 118 -6.70 14.53 12.05
N LYS B 119 -7.64 13.95 12.80
CA LYS B 119 -8.57 14.75 13.60
C LYS B 119 -8.22 14.75 15.10
N GLY B 120 -7.05 14.23 15.47
CA GLY B 120 -6.62 14.18 16.85
C GLY B 120 -6.14 15.50 17.39
N ASP B 121 -5.64 15.48 18.63
CA ASP B 121 -5.08 16.67 19.27
C ASP B 121 -3.79 17.08 18.55
N GLU B 122 -3.28 18.27 18.84
CA GLU B 122 -2.08 18.79 18.18
C GLU B 122 -0.88 17.84 18.20
N VAL B 123 -0.62 17.19 19.35
CA VAL B 123 0.51 16.27 19.48
C VAL B 123 0.31 15.01 18.63
N THR B 124 -0.94 14.51 18.59
CA THR B 124 -1.29 13.34 17.79
C THR B 124 -1.09 13.67 16.31
N ARG B 125 -1.55 14.86 15.90
CA ARG B 125 -1.38 15.33 14.53
C ARG B 125 0.09 15.47 14.17
N LYS B 126 0.90 16.07 15.06
CA LYS B 126 2.34 16.22 14.81
C LYS B 126 3.01 14.88 14.55
N ARG B 127 2.64 13.87 15.35
CA ARG B 127 3.16 12.52 15.20
C ARG B 127 2.81 11.94 13.84
N PHE B 128 1.53 12.16 13.45
CA PHE B 128 0.98 11.72 12.18
C PHE B 128 1.75 12.33 11.04
N HIS B 129 2.08 13.62 11.13
CA HIS B 129 2.80 14.33 10.08
C HIS B 129 4.13 13.70 9.80
N ALA B 130 4.85 13.33 10.86
CA ALA B 130 6.15 12.69 10.72
C ALA B 130 6.03 11.29 10.10
N PHE B 131 4.95 10.57 10.44
CA PHE B 131 4.64 9.28 9.87
C PHE B 131 4.40 9.45 8.36
N VAL B 132 3.59 10.45 7.99
CA VAL B 132 3.25 10.75 6.61
C VAL B 132 4.51 11.03 5.79
N LEU B 133 5.38 11.90 6.33
CA LEU B 133 6.57 12.30 5.62
C LEU B 133 7.64 11.19 5.55
N PHE B 134 7.64 10.29 6.54
CA PHE B 134 8.51 9.12 6.47
C PHE B 134 7.99 8.20 5.34
N LEU B 135 6.67 8.00 5.25
CA LEU B 135 6.09 7.18 4.18
C LEU B 135 6.33 7.79 2.79
N GLY B 136 6.37 9.12 2.72
CA GLY B 136 6.67 9.84 1.49
C GLY B 136 8.09 9.54 1.05
N GLU B 137 9.04 9.56 1.99
CA GLU B 137 10.43 9.25 1.67
C GLU B 137 10.60 7.77 1.33
N LEU B 138 9.84 6.91 2.02
CA LEU B 138 9.83 5.47 1.81
C LEU B 138 9.36 5.18 0.39
N TYR B 139 8.30 5.86 -0.06
CA TYR B 139 7.81 5.69 -1.43
C TYR B 139 8.89 5.99 -2.47
N LEU B 140 9.61 7.10 -2.26
CA LEU B 140 10.62 7.53 -3.19
C LEU B 140 11.81 6.59 -3.20
N ASN B 141 12.24 6.17 -2.02
CA ASN B 141 13.45 5.38 -1.85
C ASN B 141 13.29 3.87 -1.97
N LEU B 142 12.18 3.33 -1.48
CA LEU B 142 11.93 1.90 -1.50
C LEU B 142 11.73 1.32 -2.90
N GLU B 143 12.67 0.45 -3.31
CA GLU B 143 12.67 -0.22 -4.61
C GLU B 143 12.14 -1.63 -4.46
N ILE B 144 11.35 -2.06 -5.43
CA ILE B 144 10.81 -3.39 -5.45
C ILE B 144 11.12 -4.06 -6.77
N LYS B 145 11.70 -5.26 -6.71
CA LYS B 145 12.07 -6.06 -7.87
C LYS B 145 10.90 -6.93 -8.34
N GLY B 146 10.55 -6.83 -9.61
CA GLY B 146 9.44 -7.59 -10.17
C GLY B 146 9.85 -8.89 -10.82
N THR B 147 8.96 -9.45 -11.63
CA THR B 147 9.25 -10.70 -12.34
C THR B 147 9.99 -10.38 -13.65
N ASN B 148 9.56 -9.32 -14.34
CA ASN B 148 10.16 -8.86 -15.59
C ASN B 148 10.78 -7.48 -15.39
N GLY B 149 9.99 -6.55 -14.86
CA GLY B 149 10.46 -5.20 -14.60
C GLY B 149 10.83 -5.04 -13.15
N GLN B 150 12.13 -5.06 -12.85
CA GLN B 150 12.61 -4.93 -11.48
C GLN B 150 12.61 -3.48 -10.98
N VAL B 151 12.67 -2.50 -11.89
CA VAL B 151 12.71 -1.06 -11.59
C VAL B 151 11.34 -0.47 -11.21
N THR B 152 10.76 -0.94 -10.09
CA THR B 152 9.45 -0.43 -9.66
C THR B 152 9.43 0.13 -8.25
N ARG B 153 8.57 1.11 -8.03
CA ARG B 153 8.37 1.68 -6.70
C ARG B 153 7.29 0.86 -5.97
N ALA B 154 7.09 1.14 -4.67
CA ALA B 154 6.04 0.46 -3.90
C ALA B 154 4.67 1.03 -4.28
N ASP B 155 3.89 0.24 -5.01
CA ASP B 155 2.59 0.67 -5.49
C ASP B 155 1.60 0.92 -4.38
N ILE B 156 1.66 0.11 -3.33
CA ILE B 156 0.81 0.26 -2.16
C ILE B 156 1.04 1.62 -1.48
N LEU B 157 2.28 2.12 -1.53
CA LEU B 157 2.64 3.40 -0.95
C LEU B 157 2.10 4.52 -1.81
N GLN B 158 2.10 4.35 -3.13
CA GLN B 158 1.54 5.32 -4.08
C GLN B 158 0.05 5.56 -3.76
N VAL B 159 -0.66 4.47 -3.45
CA VAL B 159 -2.06 4.49 -3.08
C VAL B 159 -2.20 5.09 -1.68
N GLY B 160 -1.40 4.60 -0.74
CA GLY B 160 -1.37 5.01 0.65
C GLY B 160 -1.17 6.50 0.82
N LEU B 161 -0.23 7.08 0.06
CA LEU B 161 0.08 8.51 0.08
C LEU B 161 -1.11 9.33 -0.35
N ARG B 162 -1.87 8.84 -1.41
CA ARG B 162 -3.09 9.52 -1.87
C ARG B 162 -4.09 9.55 -0.75
N GLU B 163 -4.28 8.42 -0.07
CA GLU B 163 -5.20 8.34 1.06
C GLU B 163 -4.81 9.20 2.25
N LEU B 164 -3.51 9.34 2.47
CA LEU B 164 -2.97 10.17 3.53
C LEU B 164 -3.21 11.62 3.18
N LEU B 165 -3.04 11.99 1.90
CA LEU B 165 -3.31 13.36 1.44
C LEU B 165 -4.77 13.68 1.61
N ASN B 166 -5.68 12.73 1.20
CA ASN B 166 -7.15 12.84 1.30
C ASN B 166 -7.51 13.08 2.76
N ALA B 167 -6.90 12.30 3.68
CA ALA B 167 -7.11 12.42 5.12
C ALA B 167 -6.72 13.81 5.61
N LEU B 168 -5.60 14.35 5.10
CA LEU B 168 -5.12 15.66 5.49
C LEU B 168 -6.04 16.78 4.98
N PHE B 169 -6.44 16.73 3.71
CA PHE B 169 -7.35 17.74 3.17
C PHE B 169 -8.73 17.68 3.83
N SER B 170 -9.16 16.47 4.26
CA SER B 170 -10.47 16.27 4.89
C SER B 170 -10.58 16.87 6.30
N ASN B 171 -9.44 17.15 6.94
CA ASN B 171 -9.34 17.83 8.23
C ASN B 171 -8.46 19.04 7.95
N PRO B 172 -9.06 20.11 7.36
CA PRO B 172 -8.25 21.24 6.89
C PRO B 172 -7.80 22.24 7.94
N MET B 173 -7.01 21.73 8.87
CA MET B 173 -6.35 22.52 9.88
C MET B 173 -4.97 22.87 9.30
N ASP B 174 -4.47 24.05 9.66
CA ASP B 174 -3.21 24.59 9.15
C ASP B 174 -2.05 23.57 9.10
N ASP B 175 -1.81 22.86 10.20
CA ASP B 175 -0.69 21.91 10.30
C ASP B 175 -0.82 20.71 9.37
N ASN B 176 -2.06 20.21 9.23
CA ASN B 176 -2.37 19.10 8.35
C ASN B 176 -2.12 19.52 6.93
N LEU B 177 -2.62 20.70 6.57
CA LEU B 177 -2.51 21.26 5.24
C LEU B 177 -1.07 21.52 4.84
N ILE B 178 -0.30 22.10 5.74
CA ILE B 178 1.11 22.36 5.49
C ILE B 178 1.86 21.04 5.32
N CYS B 179 1.47 19.99 6.09
CA CYS B 179 2.05 18.66 5.98
C CYS B 179 1.82 18.12 4.58
N ALA B 180 0.57 18.25 4.10
CA ALA B 180 0.20 17.85 2.75
C ALA B 180 0.99 18.62 1.67
N VAL B 181 1.22 19.93 1.89
CA VAL B 181 2.01 20.77 0.98
C VAL B 181 3.42 20.22 0.89
N LYS B 182 4.02 19.92 2.06
CA LYS B 182 5.38 19.38 2.18
C LYS B 182 5.49 18.04 1.47
N LEU B 183 4.51 17.17 1.70
CA LEU B 183 4.48 15.85 1.09
C LEU B 183 4.35 15.95 -0.42
N LEU B 184 3.52 16.87 -0.90
CA LEU B 184 3.36 17.08 -2.33
C LEU B 184 4.57 17.73 -2.97
N LYS B 185 5.30 18.56 -2.23
CA LYS B 185 6.54 19.12 -2.73
C LYS B 185 7.59 18.00 -2.84
N LEU B 186 7.65 17.13 -1.86
CA LEU B 186 8.58 16.02 -1.82
C LEU B 186 8.29 14.95 -2.90
N THR B 187 7.03 14.48 -3.00
CA THR B 187 6.66 13.37 -3.87
C THR B 187 5.80 13.69 -5.08
N GLY B 188 5.24 14.89 -5.12
CA GLY B 188 4.30 15.37 -6.13
C GLY B 188 4.68 15.12 -7.57
N SER B 189 5.93 15.37 -7.92
CA SER B 189 6.41 15.15 -9.27
C SER B 189 6.42 13.67 -9.63
N VAL B 190 6.90 12.81 -8.72
CA VAL B 190 6.93 11.37 -8.93
C VAL B 190 5.52 10.79 -9.02
N LEU B 191 4.62 11.23 -8.12
CA LEU B 191 3.24 10.78 -8.14
C LEU B 191 2.55 11.23 -9.42
N GLU B 192 2.72 12.50 -9.81
CA GLU B 192 2.16 13.11 -11.01
C GLU B 192 2.53 12.28 -12.25
N ASP B 193 3.81 11.87 -12.38
CA ASP B 193 4.26 11.07 -13.51
C ASP B 193 3.67 9.66 -13.50
N ALA B 194 3.63 9.02 -12.32
CA ALA B 194 3.09 7.67 -12.17
C ALA B 194 1.59 7.62 -12.49
N TRP B 195 0.85 8.65 -12.09
CA TRP B 195 -0.58 8.76 -12.36
C TRP B 195 -0.84 9.07 -13.82
N LYS B 196 -0.09 10.01 -14.42
CA LYS B 196 -0.28 10.38 -15.83
C LYS B 196 -0.04 9.19 -16.76
N GLU B 197 1.01 8.41 -16.45
CA GLU B 197 1.39 7.22 -17.20
C GLU B 197 0.29 6.15 -17.16
N LYS B 198 -0.48 6.09 -16.05
CA LYS B 198 -1.57 5.14 -15.92
C LYS B 198 -2.97 5.75 -16.18
N GLY B 199 -3.01 6.95 -16.77
CA GLY B 199 -4.23 7.67 -17.10
C GLY B 199 -5.13 7.98 -15.93
N LYS B 200 -4.57 8.07 -14.71
CA LYS B 200 -5.37 8.36 -13.54
C LYS B 200 -5.54 9.87 -13.33
N MET B 201 -6.69 10.27 -12.78
CA MET B 201 -6.99 11.67 -12.51
C MET B 201 -6.84 12.03 -11.03
N ASP B 202 -5.96 11.33 -10.29
CA ASP B 202 -5.76 11.62 -8.88
C ASP B 202 -5.20 13.03 -8.65
N MET B 203 -4.32 13.50 -9.53
CA MET B 203 -3.75 14.83 -9.41
C MET B 203 -4.86 15.89 -9.52
N GLU B 204 -5.75 15.74 -10.51
CA GLU B 204 -6.87 16.64 -10.73
C GLU B 204 -7.80 16.66 -9.51
N GLU B 205 -8.03 15.48 -8.93
CA GLU B 205 -8.85 15.26 -7.74
C GLU B 205 -8.22 16.05 -6.59
N ILE B 206 -6.90 15.91 -6.42
CA ILE B 206 -6.09 16.57 -5.41
C ILE B 206 -6.26 18.07 -5.51
N ILE B 207 -6.04 18.62 -6.72
CA ILE B 207 -6.17 20.04 -7.05
C ILE B 207 -7.57 20.54 -6.67
N GLN B 208 -8.61 19.75 -6.99
CA GLN B 208 -9.97 20.14 -6.65
C GLN B 208 -10.22 20.09 -5.15
N ARG B 209 -9.67 19.10 -4.46
CA ARG B 209 -9.81 18.97 -3.03
C ARG B 209 -9.15 20.15 -2.32
N ILE B 210 -7.97 20.56 -2.83
CA ILE B 210 -7.21 21.72 -2.35
C ILE B 210 -8.06 22.99 -2.63
N GLU B 211 -8.65 23.09 -3.84
CA GLU B 211 -9.47 24.23 -4.20
C GLU B 211 -10.66 24.37 -3.27
N ASN B 212 -11.29 23.25 -2.94
CA ASN B 212 -12.42 23.19 -2.00
C ASN B 212 -12.01 23.66 -0.61
N VAL B 213 -10.77 23.34 -0.19
CA VAL B 213 -10.23 23.78 1.09
C VAL B 213 -10.17 25.30 1.08
N VAL B 214 -9.60 25.87 0.02
CA VAL B 214 -9.48 27.32 -0.12
C VAL B 214 -10.84 28.00 -0.08
N LEU B 215 -11.82 27.38 -0.74
CA LEU B 215 -13.15 27.94 -0.82
C LEU B 215 -13.89 27.90 0.49
N ASP B 216 -13.87 26.75 1.12
CA ASP B 216 -14.70 26.48 2.27
C ASP B 216 -14.03 26.53 3.64
N ALA B 217 -12.83 25.93 3.80
CA ALA B 217 -12.15 25.80 5.10
C ALA B 217 -11.93 27.13 5.90
N ASN B 218 -11.88 26.99 7.22
CA ASN B 218 -11.69 28.11 8.16
C ASN B 218 -10.24 28.34 8.55
N CYS B 219 -9.28 27.77 7.81
CA CYS B 219 -7.87 27.91 8.14
C CYS B 219 -7.27 29.29 7.71
N SER B 220 -6.01 29.56 8.09
CA SER B 220 -5.36 30.85 7.85
C SER B 220 -5.22 31.24 6.40
N ARG B 221 -5.29 32.55 6.13
CA ARG B 221 -5.15 33.14 4.80
C ARG B 221 -3.81 32.79 4.17
N ASP B 222 -2.74 32.82 4.98
CA ASP B 222 -1.40 32.49 4.49
C ASP B 222 -1.31 31.06 3.97
N VAL B 223 -1.96 30.12 4.66
CA VAL B 223 -2.01 28.71 4.25
C VAL B 223 -2.77 28.62 2.95
N LYS B 224 -3.92 29.29 2.86
CA LYS B 224 -4.71 29.30 1.65
C LYS B 224 -3.93 29.89 0.46
N GLN B 225 -3.18 30.96 0.69
CA GLN B 225 -2.35 31.58 -0.34
C GLN B 225 -1.26 30.59 -0.79
N MET B 226 -0.70 29.84 0.16
CA MET B 226 0.29 28.81 -0.10
C MET B 226 -0.31 27.74 -1.00
N LEU B 227 -1.55 27.32 -0.70
CA LEU B 227 -2.30 26.30 -1.45
C LEU B 227 -2.57 26.76 -2.86
N LEU B 228 -2.93 28.02 -3.03
CA LEU B 228 -3.17 28.59 -4.36
C LEU B 228 -1.95 28.55 -5.25
N LYS B 229 -0.79 28.76 -4.65
CA LYS B 229 0.47 28.72 -5.37
C LYS B 229 0.80 27.29 -5.85
N LEU B 230 0.32 26.26 -5.14
CA LEU B 230 0.47 24.87 -5.58
C LEU B 230 -0.36 24.60 -6.83
N VAL B 231 -1.52 25.27 -6.95
CA VAL B 231 -2.42 25.23 -8.10
C VAL B 231 -1.71 25.78 -9.35
N GLU B 232 -0.87 26.81 -9.18
CA GLU B 232 -0.08 27.37 -10.26
C GLU B 232 1.01 26.38 -10.72
N LEU B 233 1.71 25.74 -9.77
CA LEU B 233 2.79 24.79 -10.06
C LEU B 233 2.35 23.43 -10.63
N ARG B 234 1.37 22.78 -9.98
CA ARG B 234 0.91 21.45 -10.35
C ARG B 234 0.03 21.41 -11.61
N SER B 235 -0.55 22.56 -12.00
CA SER B 235 -1.39 22.69 -13.20
C SER B 235 -1.54 24.15 -13.61
#